data_1DAY
#
_entry.id   1DAY
#
_cell.length_a   142.700
_cell.length_b   58.820
_cell.length_c   46.180
_cell.angle_alpha   90.00
_cell.angle_beta   103.77
_cell.angle_gamma   90.00
#
_symmetry.space_group_name_H-M   'C 1 2 1'
#
loop_
_entity.id
_entity.type
_entity.pdbx_description
1 polymer 'PROTEIN KINASE CK2'
2 non-polymer 'MAGNESIUM ION'
3 non-polymer 'PHOSPHOAMINOPHOSPHONIC ACID-GUANYLATE ESTER'
4 water water
#
_entity_poly.entity_id   1
_entity_poly.type   'polypeptide(L)'
_entity_poly.pdbx_seq_one_letter_code
;SKARVYADVNVLRPKEYWDYEALTVQWGEQDDYEVVRKVGRGKYSEVFEGINVNNNEKCIIKILKPVKKKKIKREIKILQ
NLCGGPNIVKLLDIVRDQHSKTPSLIFEYVNNTDFKVLYPTLTDYDIRYYIYELLKALDYCHSQGIMHRDVKPHNVMIDH
ELRKLRLIDWGLAEFYHPGKEYNVRVASRYFKGPELLVDLQDYDYSLDMWSLGCMFAGMIFRKEPFFYGHDNHDQLVKIA
KVLGTDGLNVYLNKYRIELDPQLEALVGRHSRKPWLKFMNADNQHLVSPEAIDFLDKLLRYDHQERLTALEAMTHPYFQQ
VRAAENS
;
_entity_poly.pdbx_strand_id   A
#
loop_
_chem_comp.id
_chem_comp.type
_chem_comp.name
_chem_comp.formula
GNP non-polymer 'PHOSPHOAMINOPHOSPHONIC ACID-GUANYLATE ESTER' 'C10 H17 N6 O13 P3'
MG non-polymer 'MAGNESIUM ION' 'Mg 2'
#
# COMPACT_ATOMS: atom_id res chain seq x y z
N SER A 1 19.70 2.94 8.61
CA SER A 1 18.84 3.48 7.49
C SER A 1 17.81 4.40 8.11
N LYS A 2 17.50 5.47 7.40
CA LYS A 2 16.57 6.52 7.74
C LYS A 2 15.89 6.94 6.43
N ALA A 3 14.65 7.41 6.59
CA ALA A 3 13.88 7.84 5.42
C ALA A 3 14.61 9.02 4.81
N ARG A 4 14.58 9.27 3.52
CA ARG A 4 15.21 10.48 2.97
C ARG A 4 14.25 11.66 3.06
N VAL A 5 12.95 11.47 3.21
CA VAL A 5 11.96 12.51 3.34
C VAL A 5 11.01 12.16 4.51
N TYR A 6 10.43 13.21 5.09
CA TYR A 6 9.51 13.21 6.19
C TYR A 6 9.91 12.36 7.38
N ALA A 7 11.20 12.37 7.66
CA ALA A 7 11.81 11.62 8.74
C ALA A 7 11.44 12.23 10.08
N ASP A 8 11.26 13.53 10.24
CA ASP A 8 11.03 14.03 11.58
C ASP A 8 9.59 14.36 11.97
N VAL A 9 8.60 14.16 11.11
CA VAL A 9 7.21 14.45 11.40
C VAL A 9 6.78 14.00 12.79
N ASN A 10 6.98 12.75 13.17
CA ASN A 10 6.61 12.27 14.50
C ASN A 10 7.54 12.88 15.53
N VAL A 11 8.86 12.75 15.33
CA VAL A 11 9.84 13.35 16.20
C VAL A 11 9.41 14.72 16.72
N LEU A 12 8.99 15.63 15.87
CA LEU A 12 8.64 16.98 16.21
C LEU A 12 7.18 17.32 16.48
N ARG A 13 6.25 16.42 16.23
CA ARG A 13 4.85 16.73 16.52
C ARG A 13 4.63 16.36 17.98
N PRO A 14 3.58 16.86 18.59
CA PRO A 14 3.27 16.55 19.98
C PRO A 14 3.03 15.06 20.12
N LYS A 15 3.42 14.48 21.25
CA LYS A 15 3.27 13.07 21.53
C LYS A 15 1.88 12.47 21.32
N GLU A 16 0.81 13.21 21.50
CA GLU A 16 -0.55 12.68 21.30
C GLU A 16 -0.83 12.32 19.85
N TYR A 17 -0.15 12.99 18.92
CA TYR A 17 -0.24 12.73 17.51
C TYR A 17 0.08 11.26 17.22
N TRP A 18 1.20 10.74 17.72
CA TRP A 18 1.58 9.38 17.41
C TRP A 18 1.41 8.35 18.50
N ASP A 19 1.06 8.81 19.69
CA ASP A 19 0.85 7.93 20.85
C ASP A 19 -0.53 7.32 20.70
N TYR A 20 -0.73 6.39 19.76
CA TYR A 20 -2.07 5.85 19.59
C TYR A 20 -2.49 5.10 20.84
N GLU A 21 -1.66 4.33 21.55
CA GLU A 21 -2.14 3.67 22.76
C GLU A 21 -2.81 4.62 23.75
N ALA A 22 -2.59 5.92 23.84
CA ALA A 22 -3.34 6.79 24.71
C ALA A 22 -4.66 7.26 24.08
N LEU A 23 -5.11 6.63 23.00
CA LEU A 23 -6.35 6.99 22.32
C LEU A 23 -7.57 6.54 23.12
N THR A 24 -8.59 7.37 23.13
CA THR A 24 -9.86 7.17 23.81
C THR A 24 -11.00 7.21 22.78
N VAL A 25 -11.54 6.04 22.45
CA VAL A 25 -12.60 5.91 21.47
C VAL A 25 -13.92 6.51 21.90
N GLN A 26 -14.48 7.45 21.15
CA GLN A 26 -15.81 7.99 21.46
C GLN A 26 -16.75 7.16 20.58
N TRP A 27 -17.26 6.11 21.19
CA TRP A 27 -18.09 5.13 20.48
C TRP A 27 -19.40 5.69 19.93
N GLY A 28 -19.70 5.38 18.67
CA GLY A 28 -20.95 5.84 18.07
C GLY A 28 -22.12 4.90 18.37
N GLU A 29 -23.22 5.04 17.65
CA GLU A 29 -24.38 4.18 17.85
C GLU A 29 -24.38 3.00 16.88
N GLN A 30 -24.24 1.78 17.39
CA GLN A 30 -24.23 0.60 16.50
C GLN A 30 -25.49 0.52 15.67
N ASP A 31 -26.68 0.91 16.12
CA ASP A 31 -27.87 0.86 15.29
C ASP A 31 -27.91 1.83 14.12
N ASP A 32 -27.11 2.90 14.04
CA ASP A 32 -27.16 3.73 12.86
C ASP A 32 -26.76 3.00 11.58
N TYR A 33 -25.96 1.94 11.67
CA TYR A 33 -25.50 1.33 10.43
C TYR A 33 -26.00 -0.09 10.25
N GLU A 34 -26.68 -0.35 9.14
CA GLU A 34 -27.13 -1.74 8.95
C GLU A 34 -26.41 -2.45 7.83
N VAL A 35 -26.03 -3.71 8.06
CA VAL A 35 -25.39 -4.46 6.98
C VAL A 35 -26.35 -4.70 5.82
N VAL A 36 -25.95 -4.52 4.58
CA VAL A 36 -26.69 -4.82 3.37
C VAL A 36 -26.07 -6.04 2.67
N ARG A 37 -24.79 -6.16 2.35
CA ARG A 37 -24.16 -7.32 1.74
C ARG A 37 -22.64 -7.39 1.97
N LYS A 38 -22.12 -8.60 2.15
CA LYS A 38 -20.70 -8.79 2.37
C LYS A 38 -19.87 -8.39 1.17
N VAL A 39 -18.74 -7.73 1.35
CA VAL A 39 -17.94 -7.32 0.20
C VAL A 39 -16.53 -7.84 0.35
N GLY A 40 -16.14 -8.20 1.58
CA GLY A 40 -14.79 -8.69 1.75
C GLY A 40 -14.58 -9.25 3.15
N ARG A 41 -13.35 -9.75 3.27
CA ARG A 41 -12.93 -10.29 4.55
C ARG A 41 -11.41 -10.21 4.57
N GLY A 42 -10.90 -10.71 5.67
CA GLY A 42 -9.45 -10.82 5.86
C GLY A 42 -9.38 -11.70 7.11
N LYS A 43 -8.17 -12.04 7.49
CA LYS A 43 -7.98 -12.81 8.70
C LYS A 43 -8.59 -12.21 9.96
N TYR A 44 -8.66 -10.90 10.10
CA TYR A 44 -9.14 -10.26 11.31
C TYR A 44 -10.29 -9.30 11.06
N SER A 45 -10.98 -9.44 9.93
CA SER A 45 -12.12 -8.56 9.72
C SER A 45 -13.17 -9.19 8.84
N GLU A 46 -14.38 -8.69 8.87
CA GLU A 46 -15.44 -9.10 7.95
C GLU A 46 -15.99 -7.75 7.48
N VAL A 47 -16.04 -7.55 6.18
CA VAL A 47 -16.38 -6.29 5.56
C VAL A 47 -17.63 -6.40 4.70
N PHE A 48 -18.54 -5.47 5.00
CA PHE A 48 -19.87 -5.35 4.49
C PHE A 48 -20.25 -4.00 3.90
N GLU A 49 -20.98 -4.01 2.79
CA GLU A 49 -21.59 -2.79 2.32
C GLU A 49 -22.74 -2.59 3.34
N GLY A 50 -22.84 -1.39 3.88
CA GLY A 50 -23.84 -1.02 4.85
C GLY A 50 -24.67 0.15 4.32
N ILE A 51 -25.58 0.58 5.19
CA ILE A 51 -26.46 1.71 4.92
C ILE A 51 -26.55 2.50 6.21
N ASN A 52 -26.39 3.81 6.09
CA ASN A 52 -26.54 4.69 7.26
C ASN A 52 -28.06 4.84 7.39
N VAL A 53 -28.65 4.37 8.48
CA VAL A 53 -30.12 4.43 8.59
C VAL A 53 -30.68 5.84 8.70
N ASN A 54 -29.97 6.76 9.34
CA ASN A 54 -30.41 8.14 9.43
C ASN A 54 -30.48 8.87 8.10
N ASN A 55 -29.49 8.75 7.23
CA ASN A 55 -29.50 9.53 5.99
C ASN A 55 -29.58 8.75 4.69
N ASN A 56 -29.64 7.42 4.75
CA ASN A 56 -29.73 6.55 3.59
C ASN A 56 -28.53 6.47 2.68
N GLU A 57 -27.36 6.92 3.10
CA GLU A 57 -26.14 6.82 2.31
C GLU A 57 -25.46 5.47 2.52
N LYS A 58 -24.82 4.97 1.47
CA LYS A 58 -24.10 3.71 1.59
C LYS A 58 -22.91 3.91 2.53
N CYS A 59 -22.43 2.83 3.12
CA CYS A 59 -21.26 2.93 3.98
C CYS A 59 -20.56 1.57 3.94
N ILE A 60 -19.43 1.52 4.63
CA ILE A 60 -18.68 0.29 4.72
C ILE A 60 -18.66 -0.02 6.22
N ILE A 61 -18.95 -1.27 6.51
CA ILE A 61 -18.93 -1.65 7.93
C ILE A 61 -17.83 -2.72 8.01
N LYS A 62 -16.80 -2.42 8.79
CA LYS A 62 -15.68 -3.33 8.94
C LYS A 62 -15.68 -3.88 10.35
N ILE A 63 -16.17 -5.11 10.48
CA ILE A 63 -16.30 -5.75 11.78
C ILE A 63 -15.00 -6.49 12.08
N LEU A 64 -14.34 -6.11 13.14
CA LEU A 64 -13.08 -6.68 13.55
C LEU A 64 -13.25 -7.98 14.32
N LYS A 65 -12.27 -8.86 14.19
CA LYS A 65 -12.22 -10.09 14.97
C LYS A 65 -11.35 -9.77 16.17
N PRO A 66 -11.41 -10.57 17.22
CA PRO A 66 -10.63 -10.33 18.43
C PRO A 66 -9.15 -10.23 18.13
N VAL A 67 -8.59 -9.08 18.46
CA VAL A 67 -7.19 -8.75 18.30
C VAL A 67 -6.80 -7.81 19.44
N LYS A 68 -5.51 -7.83 19.80
CA LYS A 68 -5.05 -6.90 20.83
C LYS A 68 -5.59 -5.51 20.51
N LYS A 69 -6.04 -4.80 21.55
CA LYS A 69 -6.57 -3.46 21.35
C LYS A 69 -5.49 -2.47 20.94
N LYS A 70 -4.19 -2.80 20.96
CA LYS A 70 -3.19 -1.90 20.42
C LYS A 70 -3.44 -1.84 18.91
N LYS A 71 -3.60 -2.95 18.22
CA LYS A 71 -3.93 -3.02 16.80
C LYS A 71 -5.21 -2.27 16.44
N ILE A 72 -6.28 -2.26 17.23
CA ILE A 72 -7.45 -1.46 16.93
C ILE A 72 -7.23 0.02 17.18
N LYS A 73 -6.53 0.41 18.26
CA LYS A 73 -6.35 1.85 18.43
C LYS A 73 -5.35 2.45 17.44
N ARG A 74 -4.41 1.72 16.86
CA ARG A 74 -3.43 2.31 15.94
C ARG A 74 -4.11 2.84 14.68
N GLU A 75 -4.82 1.89 14.07
CA GLU A 75 -5.59 2.03 12.84
C GLU A 75 -6.62 3.14 12.93
N ILE A 76 -7.28 3.29 14.07
CA ILE A 76 -8.22 4.38 14.31
C ILE A 76 -7.44 5.66 14.45
N LYS A 77 -6.33 5.65 15.20
CA LYS A 77 -5.54 6.86 15.36
C LYS A 77 -5.03 7.30 13.99
N ILE A 78 -4.58 6.33 13.19
CA ILE A 78 -4.07 6.66 11.86
C ILE A 78 -5.16 7.24 10.98
N LEU A 79 -6.32 6.62 10.96
CA LEU A 79 -7.42 7.14 10.15
C LEU A 79 -7.81 8.53 10.59
N GLN A 80 -7.80 8.87 11.87
CA GLN A 80 -8.12 10.21 12.35
C GLN A 80 -7.06 11.22 11.91
N ASN A 81 -5.78 10.84 11.95
CA ASN A 81 -4.69 11.70 11.51
C ASN A 81 -4.77 12.02 10.01
N LEU A 82 -5.19 11.06 9.20
CA LEU A 82 -5.28 11.26 7.76
C LEU A 82 -6.60 11.74 7.21
N CYS A 83 -7.70 11.69 7.94
CA CYS A 83 -9.02 12.08 7.46
C CYS A 83 -8.96 13.41 6.72
N GLY A 84 -9.56 13.52 5.54
CA GLY A 84 -9.48 14.74 4.76
C GLY A 84 -8.36 14.71 3.72
N GLY A 85 -7.36 13.85 3.93
CA GLY A 85 -6.26 13.69 2.99
C GLY A 85 -6.76 13.26 1.62
N PRO A 86 -6.05 13.64 0.57
CA PRO A 86 -6.44 13.32 -0.78
C PRO A 86 -6.51 11.81 -0.99
N ASN A 87 -7.61 11.32 -1.54
CA ASN A 87 -7.79 9.89 -1.77
C ASN A 87 -7.62 8.99 -0.57
N ILE A 88 -7.73 9.47 0.67
CA ILE A 88 -7.62 8.65 1.86
C ILE A 88 -9.03 8.24 2.30
N VAL A 89 -9.27 6.94 2.41
CA VAL A 89 -10.59 6.44 2.80
C VAL A 89 -11.09 7.25 3.99
N LYS A 90 -12.35 7.65 4.03
CA LYS A 90 -12.83 8.37 5.20
C LYS A 90 -13.40 7.48 6.28
N LEU A 91 -12.94 7.57 7.51
CA LEU A 91 -13.43 6.89 8.68
C LEU A 91 -14.60 7.74 9.21
N LEU A 92 -15.79 7.16 9.21
CA LEU A 92 -16.97 7.94 9.58
C LEU A 92 -17.43 7.78 11.00
N ASP A 93 -17.32 6.57 11.53
CA ASP A 93 -17.82 6.31 12.89
C ASP A 93 -17.15 5.04 13.35
N ILE A 94 -17.22 4.72 14.62
CA ILE A 94 -16.60 3.54 15.21
C ILE A 94 -17.67 2.98 16.14
N VAL A 95 -18.12 1.75 16.04
CA VAL A 95 -19.17 1.25 16.92
C VAL A 95 -18.77 -0.10 17.51
N ARG A 96 -19.49 -0.49 18.55
CA ARG A 96 -19.33 -1.69 19.32
C ARG A 96 -20.74 -2.32 19.50
N ASP A 97 -20.72 -3.63 19.51
CA ASP A 97 -21.90 -4.40 19.91
C ASP A 97 -21.82 -4.46 21.43
N GLN A 98 -22.87 -4.11 22.15
CA GLN A 98 -22.88 -4.10 23.61
C GLN A 98 -22.46 -5.43 24.24
N HIS A 99 -23.21 -6.48 23.91
CA HIS A 99 -22.99 -7.80 24.50
C HIS A 99 -21.57 -8.31 24.30
N SER A 100 -20.92 -8.20 23.14
CA SER A 100 -19.56 -8.71 23.03
C SER A 100 -18.47 -7.67 22.92
N LYS A 101 -18.81 -6.39 22.73
CA LYS A 101 -17.83 -5.33 22.53
C LYS A 101 -17.01 -5.59 21.27
N THR A 102 -17.65 -6.14 20.24
CA THR A 102 -16.99 -6.36 18.96
C THR A 102 -17.02 -5.01 18.25
N PRO A 103 -15.86 -4.44 17.98
CA PRO A 103 -15.79 -3.17 17.29
C PRO A 103 -15.94 -3.27 15.78
N SER A 104 -16.65 -2.27 15.25
CA SER A 104 -16.85 -2.12 13.82
C SER A 104 -16.33 -0.74 13.38
N LEU A 105 -15.59 -0.69 12.25
CA LEU A 105 -15.15 0.61 11.76
C LEU A 105 -16.12 0.96 10.64
N ILE A 106 -16.59 2.19 10.60
CA ILE A 106 -17.50 2.61 9.55
C ILE A 106 -16.77 3.54 8.59
N PHE A 107 -16.84 3.26 7.31
CA PHE A 107 -16.18 4.10 6.34
C PHE A 107 -17.12 4.56 5.24
N GLU A 108 -16.67 5.53 4.44
CA GLU A 108 -17.45 5.89 3.24
C GLU A 108 -17.57 4.60 2.42
N TYR A 109 -18.36 4.65 1.36
CA TYR A 109 -18.50 3.46 0.54
C TYR A 109 -17.95 3.73 -0.84
N VAL A 110 -17.23 2.78 -1.42
CA VAL A 110 -16.75 3.04 -2.78
C VAL A 110 -17.40 2.01 -3.68
N ASN A 111 -18.01 2.40 -4.79
CA ASN A 111 -18.54 1.34 -5.66
C ASN A 111 -17.41 0.80 -6.53
N ASN A 112 -16.63 -0.09 -5.94
CA ASN A 112 -15.45 -0.68 -6.53
C ASN A 112 -15.71 -1.69 -7.62
N THR A 113 -14.78 -1.84 -8.56
CA THR A 113 -14.78 -2.89 -9.56
C THR A 113 -13.54 -3.73 -9.19
N ASP A 114 -13.71 -4.99 -8.85
CA ASP A 114 -12.66 -5.93 -8.52
C ASP A 114 -11.46 -5.69 -9.46
N PHE A 115 -10.25 -5.59 -8.91
CA PHE A 115 -9.08 -5.30 -9.74
C PHE A 115 -8.71 -6.36 -10.76
N LYS A 116 -8.97 -7.63 -10.45
CA LYS A 116 -8.73 -8.69 -11.42
C LYS A 116 -9.65 -8.54 -12.63
N VAL A 117 -10.77 -7.83 -12.53
CA VAL A 117 -11.62 -7.59 -13.69
C VAL A 117 -11.44 -6.15 -14.17
N LEU A 118 -11.29 -5.18 -13.29
CA LEU A 118 -11.08 -3.79 -13.70
C LEU A 118 -9.74 -3.54 -14.37
N TYR A 119 -8.59 -3.92 -13.82
CA TYR A 119 -7.28 -3.65 -14.39
C TYR A 119 -7.12 -3.96 -15.85
N PRO A 120 -7.50 -5.13 -16.34
CA PRO A 120 -7.38 -5.50 -17.74
C PRO A 120 -8.19 -4.67 -18.72
N THR A 121 -9.13 -3.89 -18.24
CA THR A 121 -9.95 -3.02 -19.07
C THR A 121 -9.31 -1.62 -19.08
N LEU A 122 -8.40 -1.28 -18.19
CA LEU A 122 -7.86 0.07 -18.08
C LEU A 122 -7.11 0.56 -19.29
N THR A 123 -7.44 1.72 -19.84
CA THR A 123 -6.60 2.18 -20.95
C THR A 123 -5.26 2.60 -20.34
N ASP A 124 -4.28 2.84 -21.22
CA ASP A 124 -2.97 3.36 -20.82
C ASP A 124 -3.16 4.59 -19.95
N TYR A 125 -3.97 5.55 -20.42
CA TYR A 125 -4.20 6.73 -19.59
C TYR A 125 -4.76 6.47 -18.21
N ASP A 126 -5.77 5.60 -18.06
CA ASP A 126 -6.41 5.26 -16.79
C ASP A 126 -5.40 4.78 -15.74
N ILE A 127 -4.43 3.99 -16.15
CA ILE A 127 -3.35 3.44 -15.36
C ILE A 127 -2.53 4.61 -14.83
N ARG A 128 -2.15 5.49 -15.78
CA ARG A 128 -1.47 6.73 -15.43
C ARG A 128 -2.33 7.47 -14.41
N TYR A 129 -3.61 7.60 -14.73
CA TYR A 129 -4.44 8.39 -13.79
C TYR A 129 -4.59 7.77 -12.41
N TYR A 130 -4.94 6.48 -12.34
CA TYR A 130 -5.12 5.83 -11.05
C TYR A 130 -3.86 5.72 -10.23
N ILE A 131 -2.70 5.48 -10.87
CA ILE A 131 -1.46 5.42 -10.05
C ILE A 131 -1.13 6.79 -9.47
N TYR A 132 -1.41 7.83 -10.27
CA TYR A 132 -1.20 9.23 -9.87
C TYR A 132 -2.07 9.57 -8.68
N GLU A 133 -3.35 9.19 -8.74
CA GLU A 133 -4.26 9.37 -7.62
C GLU A 133 -3.79 8.56 -6.43
N LEU A 134 -3.36 7.31 -6.63
CA LEU A 134 -2.83 6.55 -5.49
C LEU A 134 -1.58 7.21 -4.94
N LEU A 135 -0.68 7.73 -5.79
CA LEU A 135 0.49 8.49 -5.34
C LEU A 135 0.15 9.67 -4.44
N LYS A 136 -0.97 10.37 -4.67
CA LYS A 136 -1.39 11.48 -3.83
C LYS A 136 -1.61 11.01 -2.40
N ALA A 137 -2.31 9.87 -2.29
CA ALA A 137 -2.59 9.30 -0.98
C ALA A 137 -1.27 8.97 -0.28
N LEU A 138 -0.40 8.26 -1.01
CA LEU A 138 0.88 7.89 -0.40
C LEU A 138 1.70 9.11 -0.08
N ASP A 139 1.84 10.10 -0.96
CA ASP A 139 2.65 11.24 -0.49
C ASP A 139 1.99 11.84 0.73
N TYR A 140 0.63 11.93 0.75
CA TYR A 140 0.01 12.54 1.92
C TYR A 140 0.23 11.67 3.14
N CYS A 141 0.14 10.33 3.12
CA CYS A 141 0.30 9.65 4.41
C CYS A 141 1.74 9.73 4.92
N HIS A 142 2.71 9.65 4.02
CA HIS A 142 4.12 9.71 4.34
C HIS A 142 4.43 11.05 4.99
N SER A 143 3.93 12.15 4.44
CA SER A 143 4.11 13.50 4.93
C SER A 143 3.45 13.69 6.30
N GLN A 144 2.51 12.79 6.66
CA GLN A 144 1.93 12.88 7.99
C GLN A 144 2.61 11.85 8.88
N GLY A 145 3.74 11.29 8.45
CA GLY A 145 4.43 10.40 9.37
C GLY A 145 3.98 8.97 9.40
N ILE A 146 3.24 8.52 8.40
CA ILE A 146 2.73 7.15 8.42
C ILE A 146 3.04 6.32 7.20
N MET A 147 3.45 5.08 7.47
CA MET A 147 3.70 4.14 6.39
C MET A 147 2.44 3.28 6.24
N HIS A 148 1.94 3.02 5.05
CA HIS A 148 0.74 2.21 4.90
C HIS A 148 1.04 0.75 5.26
N ARG A 149 2.08 0.20 4.65
CA ARG A 149 2.60 -1.14 4.83
C ARG A 149 1.71 -2.23 4.26
N ASP A 150 0.80 -1.86 3.36
CA ASP A 150 -0.03 -2.88 2.77
C ASP A 150 -0.57 -2.43 1.42
N VAL A 151 0.32 -1.75 0.68
CA VAL A 151 -0.11 -1.33 -0.63
C VAL A 151 -0.30 -2.56 -1.52
N LYS A 152 -1.49 -2.68 -2.09
CA LYS A 152 -1.78 -3.73 -3.03
C LYS A 152 -3.15 -3.39 -3.64
N PRO A 153 -3.48 -4.01 -4.73
CA PRO A 153 -4.76 -3.83 -5.38
C PRO A 153 -6.01 -4.07 -4.56
N HIS A 154 -6.10 -5.05 -3.65
CA HIS A 154 -7.26 -5.24 -2.79
C HIS A 154 -7.55 -4.05 -1.89
N ASN A 155 -6.50 -3.31 -1.57
CA ASN A 155 -6.54 -2.15 -0.70
C ASN A 155 -6.66 -0.83 -1.44
N VAL A 156 -6.94 -0.87 -2.74
CA VAL A 156 -7.18 0.37 -3.51
C VAL A 156 -8.56 0.28 -4.13
N MET A 157 -9.61 0.89 -3.59
CA MET A 157 -10.95 0.85 -4.13
C MET A 157 -11.10 1.88 -5.25
N ILE A 158 -11.68 1.45 -6.37
CA ILE A 158 -11.89 2.37 -7.48
C ILE A 158 -13.32 2.37 -8.03
N ASP A 159 -13.94 3.55 -7.97
CA ASP A 159 -15.23 3.74 -8.64
C ASP A 159 -14.83 4.27 -10.01
N HIS A 160 -14.77 3.39 -10.99
CA HIS A 160 -14.34 3.70 -12.34
C HIS A 160 -15.21 4.75 -13.01
N GLU A 161 -16.54 4.60 -12.93
CA GLU A 161 -17.44 5.62 -13.46
C GLU A 161 -17.10 6.97 -12.84
N LEU A 162 -16.93 7.11 -11.53
CA LEU A 162 -16.64 8.42 -10.95
C LEU A 162 -15.16 8.76 -11.04
N ARG A 163 -14.29 7.81 -11.40
CA ARG A 163 -12.85 7.99 -11.47
C ARG A 163 -12.29 8.41 -10.13
N LYS A 164 -12.88 7.86 -9.09
CA LYS A 164 -12.53 8.11 -7.71
C LYS A 164 -11.70 6.97 -7.16
N LEU A 165 -10.66 7.27 -6.40
CA LEU A 165 -9.86 6.19 -5.81
C LEU A 165 -9.66 6.50 -4.33
N ARG A 166 -9.61 5.49 -3.49
CA ARG A 166 -9.38 5.67 -2.07
C ARG A 166 -8.38 4.59 -1.63
N LEU A 167 -7.39 4.98 -0.85
CA LEU A 167 -6.43 4.02 -0.32
C LEU A 167 -7.08 3.58 1.00
N ILE A 168 -7.49 2.33 1.04
CA ILE A 168 -8.21 1.82 2.21
C ILE A 168 -7.26 0.93 3.01
N ASP A 169 -7.79 0.26 4.02
CA ASP A 169 -7.08 -0.67 4.87
C ASP A 169 -5.75 -0.18 5.42
N TRP A 170 -5.91 0.53 6.54
CA TRP A 170 -4.87 1.10 7.37
C TRP A 170 -4.60 0.18 8.54
N GLY A 171 -5.04 -1.08 8.48
CA GLY A 171 -4.80 -2.04 9.53
C GLY A 171 -3.35 -2.45 9.72
N LEU A 172 -2.42 -2.28 8.80
CA LEU A 172 -1.01 -2.59 9.05
C LEU A 172 -0.20 -1.30 9.18
N ALA A 173 -0.83 -0.16 8.91
CA ALA A 173 -0.17 1.13 8.89
C ALA A 173 0.53 1.45 10.19
N GLU A 174 1.60 2.23 10.11
CA GLU A 174 2.38 2.61 11.27
C GLU A 174 3.01 4.01 11.20
N PHE A 175 3.26 4.51 12.41
CA PHE A 175 3.97 5.75 12.61
C PHE A 175 5.46 5.51 12.33
N TYR A 176 6.02 6.40 11.54
CA TYR A 176 7.44 6.32 11.19
C TYR A 176 8.22 7.13 12.22
N HIS A 177 9.17 6.40 12.80
CA HIS A 177 10.10 6.90 13.79
C HIS A 177 11.51 6.52 13.32
N PRO A 178 12.36 7.53 13.16
CA PRO A 178 13.72 7.33 12.68
C PRO A 178 14.49 6.34 13.54
N GLY A 179 15.06 5.27 12.98
CA GLY A 179 15.80 4.30 13.75
C GLY A 179 14.98 3.07 14.14
N LYS A 180 13.67 3.18 14.35
CA LYS A 180 12.87 2.04 14.78
C LYS A 180 12.92 0.84 13.84
N GLU A 181 13.14 -0.30 14.50
CA GLU A 181 13.14 -1.58 13.77
C GLU A 181 11.68 -2.04 13.80
N TYR A 182 11.11 -2.39 12.68
CA TYR A 182 9.70 -2.75 12.62
C TYR A 182 9.63 -4.24 12.24
N ASN A 183 8.46 -4.75 12.53
CA ASN A 183 8.29 -6.17 12.13
C ASN A 183 8.24 -6.17 10.62
N VAL A 184 8.90 -7.15 10.02
CA VAL A 184 8.92 -7.26 8.56
C VAL A 184 7.73 -8.12 8.15
N ARG A 185 6.90 -8.56 9.10
CA ARG A 185 5.74 -9.37 8.71
C ARG A 185 4.62 -8.42 8.37
N VAL A 186 4.72 -7.74 7.22
CA VAL A 186 3.73 -6.76 6.84
C VAL A 186 3.58 -6.87 5.32
N ALA A 187 2.54 -6.27 4.81
CA ALA A 187 2.22 -6.31 3.40
C ALA A 187 1.89 -7.73 2.93
N SER A 188 1.27 -7.81 1.76
CA SER A 188 1.03 -9.13 1.16
C SER A 188 2.31 -9.64 0.52
N ARG A 189 2.52 -10.97 0.56
CA ARG A 189 3.74 -11.51 -0.01
C ARG A 189 4.15 -10.89 -1.36
N TYR A 190 3.27 -10.79 -2.34
CA TYR A 190 3.64 -10.30 -3.65
C TYR A 190 4.14 -8.86 -3.76
N PHE A 191 3.82 -8.08 -2.73
CA PHE A 191 4.10 -6.67 -2.62
C PHE A 191 5.14 -6.39 -1.54
N LYS A 192 5.69 -7.42 -0.93
CA LYS A 192 6.71 -7.28 0.09
C LYS A 192 8.02 -6.84 -0.58
N GLY A 193 8.66 -5.83 0.01
CA GLY A 193 9.92 -5.35 -0.51
C GLY A 193 11.07 -6.20 -0.03
N PRO A 194 12.15 -6.14 -0.81
CA PRO A 194 13.39 -6.82 -0.49
C PRO A 194 13.78 -6.59 0.95
N GLU A 195 13.64 -5.40 1.53
CA GLU A 195 14.00 -5.20 2.92
C GLU A 195 13.24 -6.11 3.87
N LEU A 196 11.97 -6.39 3.57
CA LEU A 196 11.20 -7.26 4.44
C LEU A 196 11.71 -8.71 4.29
N LEU A 197 12.05 -9.10 3.08
CA LEU A 197 12.52 -10.43 2.76
C LEU A 197 13.92 -10.82 3.19
N VAL A 198 14.78 -9.85 3.48
CA VAL A 198 16.15 -10.11 3.89
C VAL A 198 16.37 -9.58 5.31
N ASP A 199 15.27 -9.35 6.02
CA ASP A 199 15.26 -8.89 7.39
C ASP A 199 15.86 -7.55 7.74
N LEU A 200 15.70 -6.53 6.90
CA LEU A 200 16.17 -5.18 7.28
C LEU A 200 14.93 -4.55 7.93
N GLN A 201 14.94 -4.43 9.23
CA GLN A 201 13.82 -3.94 10.01
C GLN A 201 13.65 -2.45 10.14
N ASP A 202 14.72 -1.69 9.93
CA ASP A 202 14.63 -0.23 9.96
C ASP A 202 14.29 0.33 8.57
N TYR A 203 13.05 0.01 8.16
CA TYR A 203 12.55 0.41 6.86
C TYR A 203 11.75 1.70 6.98
N ASP A 204 11.26 2.26 5.89
CA ASP A 204 10.55 3.54 6.05
C ASP A 204 9.49 3.62 4.98
N TYR A 205 8.98 4.82 4.71
CA TYR A 205 7.99 5.03 3.68
C TYR A 205 8.27 4.43 2.31
N SER A 206 9.53 4.24 1.95
CA SER A 206 9.90 3.66 0.69
C SER A 206 9.46 2.19 0.60
N LEU A 207 9.08 1.54 1.71
CA LEU A 207 8.54 0.20 1.51
C LEU A 207 7.29 0.39 0.67
N ASP A 208 6.44 1.40 0.83
CA ASP A 208 5.23 1.55 0.03
C ASP A 208 5.46 1.77 -1.46
N MET A 209 6.58 2.43 -1.76
CA MET A 209 7.03 2.67 -3.13
C MET A 209 7.39 1.35 -3.77
N TRP A 210 7.99 0.36 -3.09
CA TRP A 210 8.24 -0.91 -3.78
C TRP A 210 6.89 -1.57 -4.09
N SER A 211 6.00 -1.55 -3.08
CA SER A 211 4.68 -2.14 -3.27
C SER A 211 3.94 -1.48 -4.43
N LEU A 212 3.98 -0.16 -4.49
CA LEU A 212 3.35 0.54 -5.64
C LEU A 212 3.99 0.07 -6.94
N GLY A 213 5.33 -0.05 -6.99
CA GLY A 213 6.00 -0.53 -8.20
C GLY A 213 5.53 -1.91 -8.63
N CYS A 214 5.27 -2.77 -7.63
CA CYS A 214 4.75 -4.11 -7.89
C CYS A 214 3.39 -3.99 -8.55
N MET A 215 2.50 -3.14 -8.02
CA MET A 215 1.19 -2.97 -8.65
C MET A 215 1.31 -2.44 -10.08
N PHE A 216 2.20 -1.46 -10.23
CA PHE A 216 2.39 -0.86 -11.55
C PHE A 216 2.94 -1.84 -12.57
N ALA A 217 3.92 -2.66 -12.16
CA ALA A 217 4.46 -3.66 -13.07
C ALA A 217 3.36 -4.59 -13.57
N GLY A 218 2.56 -5.07 -12.62
CA GLY A 218 1.44 -5.95 -12.90
C GLY A 218 0.46 -5.31 -13.87
N MET A 219 0.13 -4.04 -13.66
CA MET A 219 -0.79 -3.38 -14.58
C MET A 219 -0.21 -3.14 -15.96
N ILE A 220 1.04 -2.67 -16.11
CA ILE A 220 1.57 -2.45 -17.46
C ILE A 220 2.00 -3.73 -18.15
N PHE A 221 2.42 -4.75 -17.38
CA PHE A 221 2.82 -6.00 -18.02
C PHE A 221 1.68 -7.00 -18.05
N ARG A 222 0.53 -6.65 -17.47
CA ARG A 222 -0.64 -7.53 -17.44
C ARG A 222 -0.24 -8.87 -16.80
N LYS A 223 0.26 -8.82 -15.58
CA LYS A 223 0.79 -10.05 -14.99
C LYS A 223 0.63 -9.90 -13.50
N GLU A 224 -0.46 -10.46 -12.98
CA GLU A 224 -0.79 -10.33 -11.56
C GLU A 224 -0.65 -11.61 -10.79
N PRO A 225 0.08 -11.62 -9.68
CA PRO A 225 0.87 -10.46 -9.28
C PRO A 225 2.16 -10.56 -10.06
N PHE A 226 2.84 -9.46 -10.31
CA PHE A 226 4.04 -9.55 -11.15
C PHE A 226 5.12 -10.45 -10.61
N PHE A 227 5.36 -10.50 -9.31
CA PHE A 227 6.34 -11.28 -8.59
C PHE A 227 5.56 -12.32 -7.77
N TYR A 228 5.48 -13.53 -8.32
CA TYR A 228 4.61 -14.56 -7.74
C TYR A 228 5.33 -15.68 -7.04
N GLY A 229 5.74 -15.48 -5.81
CA GLY A 229 6.45 -16.51 -5.05
C GLY A 229 5.41 -17.15 -4.13
N HIS A 230 5.70 -18.38 -3.73
CA HIS A 230 4.79 -19.15 -2.90
C HIS A 230 5.00 -18.93 -1.41
N ASP A 231 6.12 -18.36 -1.02
CA ASP A 231 6.47 -18.08 0.37
C ASP A 231 7.55 -17.00 0.38
N ASN A 232 7.99 -16.47 1.50
CA ASN A 232 8.95 -15.36 1.45
C ASN A 232 10.23 -15.69 0.70
N HIS A 233 10.97 -16.70 1.15
CA HIS A 233 12.19 -17.09 0.46
C HIS A 233 11.99 -17.07 -1.05
N ASP A 234 10.95 -17.75 -1.53
CA ASP A 234 10.65 -17.80 -2.96
C ASP A 234 10.30 -16.41 -3.50
N GLN A 235 9.67 -15.55 -2.68
CA GLN A 235 9.33 -14.19 -3.11
C GLN A 235 10.66 -13.50 -3.42
N LEU A 236 11.65 -13.65 -2.55
CA LEU A 236 12.98 -13.10 -2.89
C LEU A 236 13.57 -13.72 -4.14
N VAL A 237 13.53 -15.03 -4.38
CA VAL A 237 14.05 -15.64 -5.60
C VAL A 237 13.39 -15.05 -6.84
N LYS A 238 12.06 -14.85 -6.80
CA LYS A 238 11.38 -14.24 -7.94
C LYS A 238 11.93 -12.84 -8.21
N ILE A 239 12.16 -12.05 -7.18
CA ILE A 239 12.73 -10.71 -7.34
C ILE A 239 14.12 -10.85 -7.96
N ALA A 240 15.01 -11.64 -7.35
CA ALA A 240 16.34 -11.86 -7.86
C ALA A 240 16.41 -12.35 -9.30
N LYS A 241 15.48 -13.10 -9.88
CA LYS A 241 15.61 -13.51 -11.28
C LYS A 241 15.16 -12.43 -12.25
N VAL A 242 14.65 -11.32 -11.74
CA VAL A 242 14.24 -10.20 -12.57
C VAL A 242 15.32 -9.14 -12.41
N LEU A 243 15.58 -8.70 -11.19
CA LEU A 243 16.53 -7.62 -10.94
C LEU A 243 17.98 -8.05 -11.04
N GLY A 244 18.27 -9.34 -11.07
CA GLY A 244 19.65 -9.81 -11.06
C GLY A 244 20.11 -9.81 -9.60
N THR A 245 21.09 -10.63 -9.35
CA THR A 245 21.72 -10.93 -8.05
C THR A 245 22.92 -10.06 -7.83
N ASP A 246 23.48 -9.42 -8.87
CA ASP A 246 24.57 -8.47 -8.66
C ASP A 246 24.03 -7.28 -7.86
N GLY A 247 22.90 -6.70 -8.25
CA GLY A 247 22.26 -5.58 -7.55
C GLY A 247 21.98 -5.95 -6.10
N LEU A 248 21.50 -7.19 -5.91
CA LEU A 248 21.19 -7.72 -4.60
C LEU A 248 22.42 -7.77 -3.69
N ASN A 249 23.54 -8.28 -4.24
CA ASN A 249 24.77 -8.34 -3.44
C ASN A 249 25.31 -6.95 -3.14
N VAL A 250 25.14 -5.95 -4.00
CA VAL A 250 25.53 -4.57 -3.64
C VAL A 250 24.68 -4.11 -2.46
N TYR A 251 23.37 -4.33 -2.51
CA TYR A 251 22.43 -3.94 -1.47
C TYR A 251 22.72 -4.56 -0.11
N LEU A 252 22.77 -5.89 -0.11
CA LEU A 252 23.08 -6.63 1.11
C LEU A 252 24.36 -6.08 1.75
N ASN A 253 25.39 -6.01 0.92
CA ASN A 253 26.68 -5.46 1.32
C ASN A 253 26.51 -4.05 1.89
N LYS A 254 25.82 -3.15 1.20
CA LYS A 254 25.66 -1.79 1.71
C LYS A 254 25.07 -1.73 3.10
N TYR A 255 24.03 -2.51 3.36
CA TYR A 255 23.36 -2.46 4.66
C TYR A 255 23.95 -3.47 5.63
N ARG A 256 24.84 -4.34 5.17
CA ARG A 256 25.50 -5.28 6.07
C ARG A 256 24.53 -6.34 6.60
N ILE A 257 23.98 -7.07 5.65
CA ILE A 257 23.04 -8.15 5.91
C ILE A 257 23.59 -9.41 5.24
N GLU A 258 23.65 -10.49 6.00
CA GLU A 258 24.10 -11.72 5.32
C GLU A 258 22.83 -12.53 5.11
N LEU A 259 22.61 -13.14 3.96
CA LEU A 259 21.38 -13.88 3.77
C LEU A 259 21.34 -15.17 4.60
N ASP A 260 20.15 -15.57 5.07
CA ASP A 260 20.12 -16.91 5.66
C ASP A 260 20.77 -17.80 4.60
N PRO A 261 21.76 -18.59 5.01
CA PRO A 261 22.47 -19.49 4.15
C PRO A 261 21.71 -20.29 3.11
N GLN A 262 20.58 -20.91 3.43
CA GLN A 262 19.80 -21.70 2.48
C GLN A 262 19.06 -20.82 1.48
N LEU A 263 18.61 -19.67 1.97
CA LEU A 263 17.93 -18.66 1.16
C LEU A 263 18.93 -18.25 0.09
N GLU A 264 20.15 -17.97 0.58
CA GLU A 264 21.31 -17.65 -0.23
C GLU A 264 21.51 -18.71 -1.31
N ALA A 265 21.52 -19.99 -0.94
CA ALA A 265 21.68 -21.05 -1.94
C ALA A 265 20.57 -21.01 -2.97
N LEU A 266 19.35 -20.82 -2.49
CA LEU A 266 18.13 -20.78 -3.27
C LEU A 266 18.11 -19.65 -4.29
N VAL A 267 18.58 -18.48 -3.84
CA VAL A 267 18.62 -17.30 -4.70
C VAL A 267 19.52 -17.57 -5.89
N GLY A 268 20.69 -18.17 -5.64
CA GLY A 268 21.59 -18.48 -6.74
C GLY A 268 22.27 -17.20 -7.27
N ARG A 269 22.49 -17.21 -8.57
CA ARG A 269 23.13 -16.15 -9.32
C ARG A 269 22.31 -16.07 -10.61
N HIS A 270 21.79 -14.89 -10.93
CA HIS A 270 20.93 -14.65 -12.06
C HIS A 270 21.32 -13.35 -12.76
N SER A 271 21.21 -13.33 -14.09
CA SER A 271 21.52 -12.07 -14.77
C SER A 271 20.29 -11.17 -14.66
N ARG A 272 20.57 -9.86 -14.73
CA ARG A 272 19.49 -8.90 -14.67
C ARG A 272 18.67 -9.07 -15.95
N LYS A 273 17.36 -9.18 -15.78
CA LYS A 273 16.55 -9.27 -16.99
C LYS A 273 16.04 -7.87 -17.27
N PRO A 274 16.37 -7.33 -18.45
CA PRO A 274 15.89 -6.02 -18.86
C PRO A 274 14.38 -5.99 -18.79
N TRP A 275 13.73 -4.85 -18.60
CA TRP A 275 12.29 -4.73 -18.46
C TRP A 275 11.50 -5.06 -19.72
N LEU A 276 12.01 -4.72 -20.90
CA LEU A 276 11.29 -5.01 -22.14
C LEU A 276 11.14 -6.47 -22.47
N LYS A 277 11.79 -7.38 -21.77
CA LYS A 277 11.64 -8.82 -21.94
C LYS A 277 10.24 -9.29 -21.56
N PHE A 278 9.50 -8.58 -20.72
CA PHE A 278 8.16 -8.93 -20.31
C PHE A 278 7.08 -8.36 -21.25
N MET A 279 7.60 -7.53 -22.17
CA MET A 279 6.70 -6.96 -23.16
C MET A 279 6.23 -8.14 -24.01
N ASN A 280 4.97 -8.13 -24.36
CA ASN A 280 4.41 -9.18 -25.22
C ASN A 280 3.36 -8.40 -26.00
N ALA A 281 2.70 -8.94 -26.99
CA ALA A 281 1.67 -8.19 -27.71
C ALA A 281 0.40 -7.90 -26.93
N ASP A 282 0.13 -8.35 -25.72
CA ASP A 282 -1.10 -8.00 -25.01
C ASP A 282 -0.86 -6.70 -24.22
N ASN A 283 0.39 -6.54 -23.79
CA ASN A 283 0.77 -5.43 -22.92
C ASN A 283 1.48 -4.33 -23.71
N GLN A 284 1.88 -4.59 -24.93
CA GLN A 284 2.52 -3.68 -25.85
C GLN A 284 2.13 -2.22 -25.78
N HIS A 285 0.81 -1.97 -25.82
CA HIS A 285 0.26 -0.62 -25.82
C HIS A 285 0.34 0.09 -24.48
N LEU A 286 0.97 -0.51 -23.49
CA LEU A 286 1.12 0.05 -22.17
C LEU A 286 2.55 0.15 -21.69
N VAL A 287 3.50 -0.47 -22.38
CA VAL A 287 4.88 -0.56 -21.87
C VAL A 287 5.92 0.35 -22.48
N SER A 288 5.59 1.62 -22.68
CA SER A 288 6.50 2.59 -23.29
C SER A 288 7.70 2.98 -22.44
N PRO A 289 8.65 3.71 -23.02
CA PRO A 289 9.87 4.16 -22.36
C PRO A 289 9.64 4.88 -21.04
N GLU A 290 8.65 5.78 -20.94
CA GLU A 290 8.43 6.48 -19.69
C GLU A 290 7.91 5.54 -18.61
N ALA A 291 7.04 4.60 -18.97
CA ALA A 291 6.52 3.58 -18.07
C ALA A 291 7.67 2.74 -17.54
N ILE A 292 8.54 2.25 -18.42
CA ILE A 292 9.68 1.47 -17.95
C ILE A 292 10.60 2.35 -17.09
N ASP A 293 10.84 3.61 -17.48
CA ASP A 293 11.75 4.47 -16.72
C ASP A 293 11.15 4.72 -15.35
N PHE A 294 9.84 4.94 -15.27
CA PHE A 294 9.20 5.12 -13.97
C PHE A 294 9.31 3.85 -13.12
N LEU A 295 8.92 2.71 -13.69
CA LEU A 295 8.94 1.41 -13.01
C LEU A 295 10.32 1.10 -12.49
N ASP A 296 11.32 1.26 -13.36
CA ASP A 296 12.71 1.05 -13.01
C ASP A 296 13.18 1.84 -11.81
N LYS A 297 12.65 3.04 -11.54
CA LYS A 297 12.99 3.83 -10.38
C LYS A 297 12.11 3.48 -9.18
N LEU A 298 11.09 2.64 -9.32
CA LEU A 298 10.36 2.17 -8.15
C LEU A 298 10.97 0.81 -7.75
N LEU A 299 11.16 -0.15 -8.63
CA LEU A 299 11.73 -1.44 -8.26
C LEU A 299 13.26 -1.54 -8.26
N ARG A 300 13.81 -1.06 -7.16
CA ARG A 300 15.19 -1.05 -6.78
C ARG A 300 15.27 -1.78 -5.43
N TYR A 301 16.27 -2.64 -5.24
CA TYR A 301 16.42 -3.31 -3.96
C TYR A 301 16.66 -2.29 -2.86
N ASP A 302 17.53 -1.34 -3.21
CA ASP A 302 17.86 -0.31 -2.26
C ASP A 302 16.65 0.58 -2.03
N HIS A 303 16.02 0.49 -0.87
CA HIS A 303 14.86 1.36 -0.63
C HIS A 303 15.19 2.84 -0.64
N GLN A 304 16.45 3.17 -0.38
CA GLN A 304 16.99 4.51 -0.38
C GLN A 304 17.03 5.13 -1.77
N GLU A 305 17.18 4.38 -2.85
CA GLU A 305 17.19 4.89 -4.20
C GLU A 305 15.81 4.98 -4.84
N ARG A 306 14.80 4.31 -4.28
CA ARG A 306 13.50 4.41 -4.92
C ARG A 306 13.00 5.86 -4.82
N LEU A 307 12.23 6.21 -5.85
CA LEU A 307 11.59 7.52 -5.80
C LEU A 307 10.68 7.62 -4.57
N THR A 308 10.53 8.84 -4.10
CA THR A 308 9.59 9.19 -3.06
C THR A 308 8.27 9.34 -3.81
N ALA A 309 7.16 9.33 -3.06
CA ALA A 309 5.86 9.53 -3.67
C ALA A 309 5.82 10.92 -4.30
N LEU A 310 6.40 11.93 -3.65
CA LEU A 310 6.34 13.30 -4.20
C LEU A 310 7.10 13.26 -5.51
N GLU A 311 8.33 12.69 -5.57
CA GLU A 311 9.04 12.65 -6.83
C GLU A 311 8.31 11.90 -7.95
N ALA A 312 7.70 10.76 -7.63
CA ALA A 312 7.02 9.98 -8.67
C ALA A 312 5.92 10.76 -9.36
N MET A 313 5.19 11.60 -8.61
CA MET A 313 4.10 12.34 -9.23
C MET A 313 4.58 13.35 -10.29
N THR A 314 5.85 13.75 -10.14
CA THR A 314 6.38 14.71 -11.12
C THR A 314 7.11 14.02 -12.26
N HIS A 315 7.21 12.70 -12.26
CA HIS A 315 7.84 12.00 -13.38
C HIS A 315 7.09 12.32 -14.66
N PRO A 316 7.79 12.47 -15.78
CA PRO A 316 7.20 12.73 -17.09
C PRO A 316 6.14 11.72 -17.51
N TYR A 317 6.23 10.49 -17.02
CA TYR A 317 5.19 9.48 -17.27
C TYR A 317 3.80 9.97 -16.98
N PHE A 318 3.52 10.80 -16.01
CA PHE A 318 2.27 11.38 -15.60
C PHE A 318 1.99 12.79 -16.11
N GLN A 319 2.80 13.28 -17.04
CA GLN A 319 2.61 14.65 -17.56
C GLN A 319 1.21 15.00 -18.02
N GLN A 320 0.59 14.16 -18.82
CA GLN A 320 -0.74 14.37 -19.37
C GLN A 320 -1.81 14.39 -18.27
N VAL A 321 -1.63 13.62 -17.20
CA VAL A 321 -2.52 13.56 -16.06
C VAL A 321 -2.48 14.89 -15.29
N ARG A 322 -1.22 15.33 -15.07
CA ARG A 322 -1.03 16.63 -14.44
C ARG A 322 -1.66 17.71 -15.32
N ALA A 323 -1.45 17.77 -16.63
CA ALA A 323 -2.02 18.81 -17.48
C ALA A 323 -3.54 18.80 -17.47
N ALA A 324 -4.16 17.63 -17.35
CA ALA A 324 -5.60 17.53 -17.22
C ALA A 324 -6.07 18.11 -15.90
N GLU A 325 -5.27 17.97 -14.85
CA GLU A 325 -5.63 18.44 -13.52
C GLU A 325 -5.61 19.95 -13.43
N ASN A 326 -4.73 20.53 -14.23
CA ASN A 326 -4.62 21.97 -14.39
C ASN A 326 -5.79 22.49 -15.23
N SER A 327 -6.52 21.62 -15.88
CA SER A 327 -7.69 21.86 -16.68
C SER A 327 -7.34 21.99 -18.16
MG MG B . -5.96 -5.02 6.33
MG MG C . -7.29 -5.20 2.93
PG GNP D . -6.44 -7.33 4.48
O1G GNP D . -6.13 -6.60 3.26
O2G GNP D . -6.13 -8.80 4.29
O3G GNP D . -5.47 -6.91 5.57
N3B GNP D . -7.85 -7.24 5.11
PB GNP D . -8.65 -6.20 5.98
O1B GNP D . -9.79 -6.88 6.57
O2B GNP D . -8.11 -5.31 7.06
O3A GNP D . -9.36 -5.70 4.71
PA GNP D . -9.89 -4.42 4.00
O1A GNP D . -10.29 -3.07 4.50
O2A GNP D . -8.91 -4.29 2.91
O5' GNP D . -11.25 -5.06 3.52
C5' GNP D . -11.27 -6.15 2.60
C4' GNP D . -11.93 -6.02 1.27
O4' GNP D . -13.28 -5.52 1.43
C3' GNP D . -11.26 -5.10 0.27
O3' GNP D . -10.07 -5.72 -0.27
C2' GNP D . -12.44 -4.96 -0.73
O2' GNP D . -12.40 -5.96 -1.75
C1' GNP D . -13.69 -5.04 0.20
N9 GNP D . -14.07 -3.65 0.34
C8 GNP D . -13.52 -2.76 1.20
N7 GNP D . -13.96 -1.56 1.14
C5 GNP D . -14.80 -1.64 0.13
C6 GNP D . -15.56 -0.64 -0.41
O6 GNP D . -15.49 0.59 0.07
N1 GNP D . -16.36 -0.96 -1.42
C2 GNP D . -16.38 -2.27 -1.88
N2 GNP D . -17.24 -2.35 -2.87
N3 GNP D . -15.71 -3.29 -1.45
C4 GNP D . -14.92 -2.89 -0.42
#